data_1DOW
#
_entry.id   1DOW
#
_cell.length_a   53.000
_cell.length_b   62.620
_cell.length_c   63.660
_cell.angle_alpha   90.00
_cell.angle_beta   90.00
_cell.angle_gamma   90.00
#
_symmetry.space_group_name_H-M   'P 21 21 21'
#
loop_
_entity.id
_entity.type
_entity.pdbx_description
1 polymer ALPHA-CATENIN
2 polymer BETA-CATENIN
3 water water
#
loop_
_entity_poly.entity_id
_entity_poly.type
_entity_poly.pdbx_seq_one_letter_code
_entity_poly.pdbx_strand_id
1 'polypeptide(L)'
;KAHVLAASVEQATENFLEKGDKIAKESQFLKEELVVAVEDVRKQGDL(MSE)KSAAGEFADDPCSSVKRGN(MSE)VRAA
RALLSAVTRLLILAD(MSE)ADVYKLLVQLKVVEDGILKLRNAGNEQDLGIQYKALKPEVDKLNI(MSE)AAKRQQELKD
VGNRDQ(MSE)AAARGILQKNVPILYTASQACLQHPDVAAYKANRDLIYKQLQQAVTGISNAAQA
;
A
2 'polypeptide(L)' HPTNVQRLAEPSQ(MSE)LKHAVVNLINYQDDAELA B
#
# COMPACT_ATOMS: atom_id res chain seq x y z
N LYS A 1 30.18 -16.54 20.74
CA LYS A 1 29.96 -15.70 19.52
C LYS A 1 28.53 -15.76 18.98
N ALA A 2 27.72 -16.67 19.52
CA ALA A 2 26.33 -16.78 19.06
C ALA A 2 25.60 -15.46 19.24
N HIS A 3 26.09 -14.63 20.15
CA HIS A 3 25.48 -13.33 20.41
C HIS A 3 25.55 -12.43 19.19
N VAL A 4 26.49 -12.72 18.29
CA VAL A 4 26.62 -11.93 17.07
C VAL A 4 25.31 -12.08 16.26
N LEU A 5 24.75 -13.29 16.33
CA LEU A 5 23.51 -13.60 15.61
C LEU A 5 22.33 -12.99 16.34
N ALA A 6 22.35 -13.04 17.67
CA ALA A 6 21.27 -12.44 18.42
C ALA A 6 21.27 -10.91 18.22
N ALA A 7 22.44 -10.32 18.11
CA ALA A 7 22.56 -8.87 17.92
C ALA A 7 21.93 -8.47 16.61
N SER A 8 22.10 -9.31 15.59
CA SER A 8 21.52 -9.00 14.28
C SER A 8 19.99 -9.06 14.32
N VAL A 9 19.43 -10.00 15.08
CA VAL A 9 17.97 -10.07 15.19
C VAL A 9 17.51 -8.77 15.87
N GLU A 10 18.24 -8.37 16.91
CA GLU A 10 17.92 -7.14 17.63
C GLU A 10 18.01 -5.91 16.72
N GLN A 11 19.09 -5.82 15.95
CA GLN A 11 19.30 -4.70 15.03
C GLN A 11 18.15 -4.62 14.03
N ALA A 12 17.80 -5.78 13.46
CA ALA A 12 16.71 -5.86 12.48
C ALA A 12 15.36 -5.53 13.11
N THR A 13 15.15 -5.94 14.36
CA THR A 13 13.88 -5.66 15.02
C THR A 13 13.73 -4.16 15.23
N GLU A 14 14.80 -3.53 15.72
CA GLU A 14 14.78 -2.09 15.96
C GLU A 14 14.57 -1.34 14.66
N ASN A 15 15.24 -1.79 13.61
CA ASN A 15 15.13 -1.15 12.30
C ASN A 15 13.68 -1.24 11.82
N PHE A 16 13.08 -2.42 11.95
CA PHE A 16 11.71 -2.62 11.52
C PHE A 16 10.72 -1.76 12.32
N LEU A 17 10.89 -1.76 13.64
CA LEU A 17 10.03 -0.99 14.51
C LEU A 17 10.10 0.50 14.20
N GLU A 18 11.30 0.98 13.90
CA GLU A 18 11.47 2.39 13.57
C GLU A 18 10.58 2.75 12.39
N LYS A 19 10.59 1.91 11.35
CA LYS A 19 9.78 2.17 10.17
C LYS A 19 8.29 2.03 10.50
N GLY A 20 7.95 1.03 11.29
CA GLY A 20 6.57 0.79 11.64
C GLY A 20 6.01 1.93 12.49
N ASP A 21 6.81 2.40 13.45
CA ASP A 21 6.37 3.50 14.33
C ASP A 21 6.01 4.71 13.49
N LYS A 22 6.84 5.00 12.49
CA LYS A 22 6.62 6.14 11.62
C LYS A 22 5.35 6.00 10.79
N ILE A 23 5.11 4.83 10.22
CA ILE A 23 3.89 4.62 9.43
C ILE A 23 2.64 4.74 10.33
N ALA A 24 2.72 4.20 11.54
CA ALA A 24 1.59 4.26 12.46
C ALA A 24 1.29 5.69 12.89
N LYS A 25 2.33 6.51 13.00
CA LYS A 25 2.19 7.91 13.39
C LYS A 25 1.68 8.81 12.26
N GLU A 26 2.14 8.53 11.05
CA GLU A 26 1.80 9.35 9.88
C GLU A 26 0.57 8.90 9.09
N SER A 27 0.05 7.71 9.35
CA SER A 27 -1.08 7.23 8.59
C SER A 27 -2.39 7.98 8.81
N GLN A 28 -3.12 8.19 7.72
CA GLN A 28 -4.40 8.88 7.77
C GLN A 28 -5.49 7.81 7.75
N PHE A 29 -5.05 6.56 7.57
CA PHE A 29 -5.98 5.42 7.52
C PHE A 29 -5.48 4.28 8.41
N LEU A 30 -6.40 3.66 9.13
CA LEU A 30 -6.09 2.56 10.03
C LEU A 30 -5.04 2.95 11.07
N LYS A 31 -5.05 4.22 11.46
CA LYS A 31 -4.08 4.73 12.42
C LYS A 31 -4.05 3.98 13.74
N GLU A 32 -5.20 3.88 14.39
CA GLU A 32 -5.27 3.17 15.67
C GLU A 32 -4.88 1.71 15.54
N GLU A 33 -5.35 1.09 14.46
CA GLU A 33 -5.06 -0.32 14.19
C GLU A 33 -3.58 -0.55 13.91
N LEU A 34 -2.95 0.36 13.17
CA LEU A 34 -1.52 0.21 12.90
C LEU A 34 -0.76 0.33 14.23
N VAL A 35 -1.19 1.25 15.08
CA VAL A 35 -0.55 1.43 16.38
C VAL A 35 -0.60 0.15 17.22
N VAL A 36 -1.76 -0.50 17.26
CA VAL A 36 -1.90 -1.74 18.02
C VAL A 36 -1.01 -2.83 17.43
N ALA A 37 -0.95 -2.90 16.10
CA ALA A 37 -0.14 -3.90 15.44
C ALA A 37 1.34 -3.66 15.77
N VAL A 38 1.78 -2.41 15.71
CA VAL A 38 3.18 -2.12 16.01
C VAL A 38 3.49 -2.39 17.48
N GLU A 39 2.54 -2.08 18.36
CA GLU A 39 2.77 -2.33 19.77
C GLU A 39 3.06 -3.81 19.98
N ASP A 40 2.35 -4.67 19.25
CA ASP A 40 2.58 -6.09 19.42
C ASP A 40 3.92 -6.52 18.83
N VAL A 41 4.35 -5.87 17.76
CA VAL A 41 5.62 -6.25 17.19
C VAL A 41 6.68 -5.92 18.23
N ARG A 42 6.48 -4.80 18.92
CA ARG A 42 7.42 -4.37 19.95
C ARG A 42 7.36 -5.34 21.14
N LYS A 43 6.16 -5.73 21.53
CA LYS A 43 6.01 -6.65 22.65
C LYS A 43 6.66 -8.00 22.33
N GLN A 44 6.33 -8.56 21.18
CA GLN A 44 6.91 -9.85 20.79
C GLN A 44 8.39 -9.67 20.49
N GLY A 45 8.78 -8.48 20.06
CA GLY A 45 10.18 -8.24 19.77
C GLY A 45 11.03 -8.28 21.02
N ASP A 46 10.52 -7.73 22.12
CA ASP A 46 11.28 -7.74 23.37
C ASP A 46 11.34 -9.14 23.98
N LEU A 47 10.29 -9.94 23.77
CA LEU A 47 10.26 -11.30 24.26
C LEU A 47 11.28 -12.11 23.50
N LYS A 49 13.95 -10.79 22.13
CA LYS A 49 15.27 -10.34 22.58
C LYS A 49 15.74 -11.18 23.77
N SER A 50 14.86 -11.38 24.75
CA SER A 50 15.23 -12.19 25.91
C SER A 50 15.50 -13.66 25.57
N ALA A 51 14.60 -14.28 24.82
CA ALA A 51 14.74 -15.67 24.42
C ALA A 51 15.99 -15.92 23.56
N ALA A 52 16.25 -15.02 22.61
CA ALA A 52 17.42 -15.15 21.74
C ALA A 52 18.70 -15.01 22.56
N GLY A 53 18.69 -14.09 23.51
CA GLY A 53 19.85 -13.86 24.35
C GLY A 53 20.17 -15.07 25.23
N GLU A 54 19.13 -15.75 25.70
CA GLU A 54 19.31 -16.92 26.54
C GLU A 54 19.85 -18.06 25.70
N PHE A 55 19.27 -18.22 24.49
CA PHE A 55 19.70 -19.25 23.57
C PHE A 55 21.15 -19.05 23.18
N ALA A 56 21.53 -17.82 22.86
CA ALA A 56 22.91 -17.52 22.46
C ALA A 56 23.88 -17.79 23.61
N ASP A 57 23.43 -17.61 24.84
CA ASP A 57 24.29 -17.85 25.99
C ASP A 57 24.42 -19.33 26.33
N ASP A 58 23.42 -20.12 25.94
CA ASP A 58 23.40 -21.57 26.21
C ASP A 58 22.79 -22.30 25.01
N PRO A 59 23.48 -22.28 23.86
CA PRO A 59 23.14 -22.88 22.58
C PRO A 59 22.67 -24.34 22.57
N CYS A 60 23.27 -25.17 23.43
CA CYS A 60 22.92 -26.58 23.47
C CYS A 60 21.66 -26.92 24.28
N SER A 61 21.14 -25.96 25.03
CA SER A 61 19.95 -26.17 25.83
C SER A 61 18.72 -26.30 24.93
N SER A 62 18.20 -27.53 24.81
CA SER A 62 17.03 -27.78 23.97
C SER A 62 15.84 -26.95 24.43
N VAL A 63 15.85 -26.58 25.71
CA VAL A 63 14.77 -25.78 26.28
C VAL A 63 14.89 -24.33 25.82
N LYS A 64 16.03 -23.71 26.10
CA LYS A 64 16.24 -22.31 25.70
C LYS A 64 16.11 -22.16 24.19
N ARG A 65 16.51 -23.20 23.45
CA ARG A 65 16.40 -23.17 22.01
C ARG A 65 14.94 -23.22 21.62
N GLY A 66 14.15 -23.96 22.40
CA GLY A 66 12.73 -24.06 22.13
C GLY A 66 12.01 -22.76 22.44
N ASN A 67 12.41 -22.09 23.51
CA ASN A 67 11.77 -20.83 23.85
C ASN A 67 12.07 -19.81 22.74
N VAL A 69 12.78 -20.44 19.47
CA VAL A 69 12.01 -20.78 18.28
C VAL A 69 10.55 -20.34 18.41
N ARG A 70 9.96 -20.51 19.58
CA ARG A 70 8.56 -20.10 19.74
C ARG A 70 8.41 -18.59 19.81
N ALA A 71 9.38 -17.92 20.41
CA ALA A 71 9.32 -16.47 20.48
C ALA A 71 9.51 -15.94 19.06
N ALA A 72 10.31 -16.66 18.27
CA ALA A 72 10.56 -16.23 16.89
C ALA A 72 9.26 -16.32 16.11
N ARG A 73 8.52 -17.40 16.31
CA ARG A 73 7.26 -17.58 15.60
C ARG A 73 6.26 -16.48 15.95
N ALA A 74 6.15 -16.13 17.23
CA ALA A 74 5.23 -15.10 17.67
C ALA A 74 5.64 -13.75 17.09
N LEU A 75 6.95 -13.50 17.01
CA LEU A 75 7.40 -12.22 16.48
C LEU A 75 7.05 -12.10 15.00
N LEU A 76 7.42 -13.09 14.20
CA LEU A 76 7.13 -13.05 12.78
C LEU A 76 5.62 -13.00 12.51
N SER A 77 4.80 -13.54 13.41
CA SER A 77 3.35 -13.48 13.21
C SER A 77 2.87 -12.04 13.37
N ALA A 78 3.44 -11.34 14.34
CA ALA A 78 3.09 -9.96 14.58
C ALA A 78 3.58 -9.08 13.40
N VAL A 79 4.73 -9.43 12.84
CA VAL A 79 5.28 -8.67 11.71
C VAL A 79 4.32 -8.82 10.53
N THR A 80 3.87 -10.05 10.31
CA THR A 80 2.94 -10.31 9.22
C THR A 80 1.64 -9.51 9.39
N ARG A 81 1.12 -9.43 10.62
CA ARG A 81 -0.11 -8.66 10.82
C ARG A 81 0.10 -7.19 10.52
N LEU A 82 1.27 -6.65 10.85
CA LEU A 82 1.54 -5.24 10.58
C LEU A 82 1.64 -5.00 9.07
N LEU A 83 2.34 -5.89 8.36
CA LEU A 83 2.49 -5.73 6.91
C LEU A 83 1.12 -5.71 6.22
N ILE A 84 0.24 -6.59 6.67
CA ILE A 84 -1.11 -6.68 6.13
C ILE A 84 -1.89 -5.39 6.34
N LEU A 85 -1.82 -4.83 7.54
CA LEU A 85 -2.52 -3.58 7.83
C LEU A 85 -1.89 -2.42 7.04
N ALA A 86 -0.56 -2.42 6.94
CA ALA A 86 0.13 -1.35 6.21
C ALA A 86 -0.33 -1.37 4.75
N ASP A 87 -0.45 -2.56 4.19
CA ASP A 87 -0.88 -2.74 2.80
C ASP A 87 -2.33 -2.26 2.63
N ALA A 89 -3.82 -0.04 4.41
CA ALA A 89 -3.78 1.40 4.54
C ALA A 89 -3.44 2.04 3.19
N ASP A 90 -2.50 1.45 2.46
CA ASP A 90 -2.13 1.98 1.14
C ASP A 90 -3.34 1.88 0.21
N VAL A 91 -4.05 0.75 0.25
CA VAL A 91 -5.22 0.57 -0.59
C VAL A 91 -6.32 1.58 -0.25
N TYR A 92 -6.55 1.82 1.04
CA TYR A 92 -7.57 2.79 1.45
C TYR A 92 -7.26 4.18 0.91
N LYS A 93 -6.00 4.58 0.98
CA LYS A 93 -5.59 5.89 0.49
C LYS A 93 -5.85 6.00 -1.02
N LEU A 94 -5.53 4.95 -1.76
CA LEU A 94 -5.78 4.95 -3.20
C LEU A 94 -7.29 5.02 -3.48
N LEU A 95 -8.09 4.24 -2.76
CA LEU A 95 -9.54 4.26 -2.96
C LEU A 95 -10.15 5.63 -2.64
N VAL A 96 -9.61 6.33 -1.67
CA VAL A 96 -10.12 7.65 -1.34
C VAL A 96 -9.82 8.62 -2.48
N GLN A 97 -8.62 8.53 -3.04
CA GLN A 97 -8.24 9.42 -4.14
C GLN A 97 -9.01 9.06 -5.41
N LEU A 98 -9.34 7.78 -5.58
CA LEU A 98 -10.09 7.36 -6.74
C LEU A 98 -11.47 8.00 -6.67
N LYS A 99 -12.03 8.07 -5.46
CA LYS A 99 -13.35 8.67 -5.24
C LYS A 99 -13.29 10.16 -5.53
N VAL A 100 -12.18 10.80 -5.18
CA VAL A 100 -12.02 12.21 -5.47
C VAL A 100 -12.09 12.43 -6.97
N VAL A 101 -11.43 11.55 -7.73
CA VAL A 101 -11.41 11.66 -9.18
C VAL A 101 -12.80 11.33 -9.74
N GLU A 102 -13.46 10.33 -9.18
CA GLU A 102 -14.79 9.96 -9.64
C GLU A 102 -15.77 11.12 -9.47
N ASP A 103 -15.69 11.80 -8.33
CA ASP A 103 -16.56 12.93 -8.07
C ASP A 103 -16.21 14.10 -9.01
N GLY A 104 -14.92 14.23 -9.32
CA GLY A 104 -14.46 15.30 -10.19
C GLY A 104 -14.89 15.11 -11.64
N ILE A 105 -14.96 13.85 -12.05
CA ILE A 105 -15.39 13.52 -13.40
C ILE A 105 -16.87 13.87 -13.57
N LEU A 106 -17.67 13.58 -12.55
CA LEU A 106 -19.09 13.88 -12.63
C LEU A 106 -19.25 15.39 -12.74
N LYS A 107 -18.50 16.13 -11.92
CA LYS A 107 -18.57 17.59 -11.93
C LYS A 107 -18.14 18.17 -13.28
N LEU A 108 -17.12 17.58 -13.90
CA LEU A 108 -16.66 18.06 -15.20
C LEU A 108 -17.78 17.83 -16.19
N ARG A 109 -18.34 16.62 -16.14
CA ARG A 109 -19.42 16.24 -17.01
C ARG A 109 -20.59 17.21 -16.98
N ASN A 110 -21.03 17.55 -15.77
CA ASN A 110 -22.19 18.40 -15.60
C ASN A 110 -22.03 19.90 -15.37
N ALA A 111 -20.85 20.44 -15.66
CA ALA A 111 -20.66 21.88 -15.50
C ALA A 111 -21.76 22.57 -16.32
N GLY A 112 -22.34 23.63 -15.76
CA GLY A 112 -23.44 24.32 -16.44
C GLY A 112 -23.13 25.35 -17.51
N ASN A 113 -21.88 25.81 -17.58
CA ASN A 113 -21.48 26.81 -18.55
C ASN A 113 -19.98 26.66 -18.77
N GLU A 114 -19.47 27.24 -19.84
CA GLU A 114 -18.04 27.11 -20.15
C GLU A 114 -17.11 27.62 -19.07
N GLN A 115 -17.56 28.63 -18.33
CA GLN A 115 -16.75 29.19 -17.27
C GLN A 115 -16.50 28.12 -16.19
N ASP A 116 -17.57 27.52 -15.71
CA ASP A 116 -17.45 26.47 -14.69
C ASP A 116 -16.78 25.22 -15.24
N LEU A 117 -16.98 24.94 -16.53
CA LEU A 117 -16.37 23.75 -17.13
C LEU A 117 -14.86 23.88 -17.03
N GLY A 118 -14.35 25.07 -17.37
CA GLY A 118 -12.91 25.30 -17.31
C GLY A 118 -12.39 25.15 -15.90
N ILE A 119 -13.16 25.63 -14.92
CA ILE A 119 -12.75 25.52 -13.51
C ILE A 119 -12.79 24.07 -13.04
N GLN A 120 -13.88 23.37 -13.35
CA GLN A 120 -14.01 21.97 -12.95
C GLN A 120 -12.95 21.13 -13.65
N TYR A 121 -12.48 21.57 -14.81
CA TYR A 121 -11.46 20.83 -15.56
C TYR A 121 -10.13 21.04 -14.85
N LYS A 122 -9.86 22.29 -14.45
CA LYS A 122 -8.64 22.58 -13.71
C LYS A 122 -8.69 21.89 -12.35
N ALA A 123 -9.89 21.69 -11.80
CA ALA A 123 -10.02 21.05 -10.50
C ALA A 123 -9.79 19.54 -10.57
N LEU A 124 -10.13 18.95 -11.72
CA LEU A 124 -10.00 17.52 -11.91
C LEU A 124 -8.62 17.03 -12.35
N LYS A 125 -8.01 17.75 -13.28
CA LYS A 125 -6.72 17.35 -13.83
C LYS A 125 -5.64 16.98 -12.81
N PRO A 126 -5.45 17.78 -11.75
CA PRO A 126 -4.43 17.45 -10.75
C PRO A 126 -4.75 16.17 -9.97
N GLU A 127 -6.03 15.96 -9.69
CA GLU A 127 -6.45 14.78 -8.94
C GLU A 127 -6.24 13.51 -9.78
N VAL A 128 -6.42 13.63 -11.09
CA VAL A 128 -6.21 12.48 -11.98
C VAL A 128 -4.75 12.12 -11.97
N ASP A 129 -3.90 13.14 -12.11
CA ASP A 129 -2.46 12.95 -12.10
C ASP A 129 -1.97 12.24 -10.84
N LYS A 130 -2.47 12.68 -9.69
CA LYS A 130 -2.07 12.07 -8.42
C LYS A 130 -2.55 10.62 -8.34
N LEU A 131 -3.83 10.41 -8.67
CA LEU A 131 -4.40 9.07 -8.66
C LEU A 131 -3.56 8.11 -9.51
N ASN A 132 -3.16 8.56 -10.70
CA ASN A 132 -2.36 7.71 -11.58
C ASN A 132 -1.04 7.27 -10.97
N ILE A 133 -0.34 8.20 -10.34
CA ILE A 133 0.94 7.88 -9.71
C ILE A 133 0.71 6.81 -8.65
N ALA A 135 -1.88 4.70 -8.40
CA ALA A 135 -2.35 3.45 -8.99
C ALA A 135 -1.22 2.71 -9.67
N ALA A 136 -0.24 3.45 -10.18
CA ALA A 136 0.92 2.85 -10.84
C ALA A 136 1.79 2.14 -9.80
N LYS A 137 1.93 2.76 -8.63
CA LYS A 137 2.72 2.16 -7.54
C LYS A 137 2.02 0.92 -7.03
N ARG A 138 0.70 0.90 -7.14
CA ARG A 138 -0.07 -0.25 -6.69
C ARG A 138 0.05 -1.36 -7.73
N GLN A 139 0.11 -0.96 -8.98
CA GLN A 139 0.22 -1.92 -10.06
C GLN A 139 1.52 -2.74 -9.95
N GLN A 140 2.63 -2.07 -9.61
CA GLN A 140 3.91 -2.76 -9.52
C GLN A 140 3.95 -3.75 -8.36
N GLU A 141 2.98 -3.65 -7.45
CA GLU A 141 2.90 -4.56 -6.32
C GLU A 141 1.92 -5.70 -6.59
N LEU A 142 1.11 -5.57 -7.63
CA LEU A 142 0.15 -6.63 -7.96
C LEU A 142 0.90 -7.84 -8.50
N LYS A 143 0.54 -9.03 -8.01
CA LYS A 143 1.21 -10.26 -8.41
C LYS A 143 0.58 -11.00 -9.59
N ASP A 144 -0.74 -10.87 -9.75
CA ASP A 144 -1.42 -11.54 -10.85
C ASP A 144 -1.29 -10.68 -12.11
N VAL A 145 -0.67 -11.23 -13.15
CA VAL A 145 -0.47 -10.51 -14.40
C VAL A 145 -1.82 -10.05 -14.94
N GLY A 146 -2.87 -10.81 -14.63
CA GLY A 146 -4.19 -10.44 -15.10
C GLY A 146 -4.61 -9.13 -14.48
N ASN A 147 -4.64 -9.07 -13.15
CA ASN A 147 -5.04 -7.85 -12.46
C ASN A 147 -4.11 -6.69 -12.81
N ARG A 148 -2.84 -6.99 -13.00
CA ARG A 148 -1.87 -5.96 -13.33
C ARG A 148 -2.23 -5.31 -14.67
N ASP A 149 -2.66 -6.13 -15.63
CA ASP A 149 -3.03 -5.60 -16.94
C ASP A 149 -4.32 -4.80 -16.88
N GLN A 150 -5.30 -5.30 -16.14
CA GLN A 150 -6.58 -4.61 -15.97
C GLN A 150 -6.28 -3.23 -15.40
N ALA A 152 -3.42 -1.52 -15.54
CA ALA A 152 -2.72 -0.73 -16.54
C ALA A 152 -3.71 -0.15 -17.54
N ALA A 153 -4.61 -1.00 -18.03
CA ALA A 153 -5.61 -0.57 -19.01
C ALA A 153 -6.53 0.52 -18.48
N ALA A 154 -7.01 0.34 -17.23
CA ALA A 154 -7.92 1.30 -16.62
C ALA A 154 -7.25 2.66 -16.44
N ARG A 155 -5.99 2.68 -16.01
CA ARG A 155 -5.28 3.94 -15.82
C ARG A 155 -5.16 4.68 -17.15
N GLY A 156 -4.88 3.92 -18.21
CA GLY A 156 -4.74 4.49 -19.53
C GLY A 156 -6.04 5.12 -20.00
N ILE A 157 -7.14 4.38 -19.87
CA ILE A 157 -8.44 4.90 -20.30
C ILE A 157 -8.75 6.18 -19.53
N LEU A 158 -8.50 6.18 -18.23
CA LEU A 158 -8.76 7.36 -17.42
C LEU A 158 -7.97 8.57 -17.90
N GLN A 159 -6.67 8.40 -18.13
CA GLN A 159 -5.85 9.51 -18.57
C GLN A 159 -6.21 9.97 -19.96
N LYS A 160 -6.48 9.03 -20.85
CA LYS A 160 -6.83 9.39 -22.22
C LYS A 160 -8.17 10.08 -22.36
N ASN A 161 -9.14 9.66 -21.56
CA ASN A 161 -10.48 10.22 -21.67
C ASN A 161 -10.88 11.47 -20.91
N VAL A 162 -10.09 11.87 -19.90
CA VAL A 162 -10.45 13.08 -19.17
C VAL A 162 -10.44 14.29 -20.10
N PRO A 163 -9.38 14.44 -20.92
CA PRO A 163 -9.30 15.56 -21.86
C PRO A 163 -10.46 15.50 -22.87
N ILE A 164 -10.80 14.28 -23.28
CA ILE A 164 -11.86 14.08 -24.24
C ILE A 164 -13.24 14.40 -23.66
N LEU A 165 -13.44 14.17 -22.37
CA LEU A 165 -14.73 14.50 -21.78
C LEU A 165 -14.87 16.01 -21.72
N TYR A 166 -13.75 16.70 -21.50
CA TYR A 166 -13.78 18.17 -21.46
C TYR A 166 -14.26 18.67 -22.81
N THR A 167 -13.65 18.14 -23.87
CA THR A 167 -14.00 18.52 -25.23
C THR A 167 -15.46 18.20 -25.55
N ALA A 168 -15.93 17.04 -25.08
CA ALA A 168 -17.32 16.64 -25.32
C ALA A 168 -18.30 17.54 -24.61
N SER A 169 -18.02 17.86 -23.35
CA SER A 169 -18.91 18.73 -22.58
C SER A 169 -18.91 20.12 -23.17
N GLN A 170 -17.74 20.56 -23.61
CA GLN A 170 -17.62 21.88 -24.21
C GLN A 170 -18.57 21.99 -25.41
N ALA A 171 -18.62 20.94 -26.23
CA ALA A 171 -19.47 20.93 -27.41
C ALA A 171 -20.94 21.01 -27.04
N CYS A 172 -21.31 20.35 -25.94
CA CYS A 172 -22.69 20.35 -25.47
C CYS A 172 -23.10 21.74 -25.01
N LEU A 173 -22.17 22.45 -24.37
CA LEU A 173 -22.46 23.78 -23.87
C LEU A 173 -22.54 24.79 -25.01
N GLN A 174 -21.69 24.61 -26.02
CA GLN A 174 -21.67 25.49 -27.18
C GLN A 174 -22.84 25.25 -28.13
N HIS A 175 -23.34 24.02 -28.14
CA HIS A 175 -24.46 23.66 -29.02
C HIS A 175 -25.52 22.91 -28.24
N PRO A 176 -26.22 23.61 -27.31
CA PRO A 176 -27.29 23.10 -26.44
C PRO A 176 -28.42 22.32 -27.11
N ASP A 177 -28.78 22.69 -28.34
CA ASP A 177 -29.87 22.02 -29.04
C ASP A 177 -29.49 20.78 -29.82
N VAL A 178 -28.21 20.43 -29.82
CA VAL A 178 -27.76 19.26 -30.57
C VAL A 178 -27.64 18.01 -29.67
N ALA A 179 -28.59 17.09 -29.84
CA ALA A 179 -28.63 15.86 -29.05
C ALA A 179 -27.40 14.95 -29.22
N ALA A 180 -26.82 14.92 -30.42
CA ALA A 180 -25.67 14.06 -30.67
C ALA A 180 -24.49 14.35 -29.74
N TYR A 181 -24.31 15.61 -29.36
CA TYR A 181 -23.21 15.98 -28.46
C TYR A 181 -23.41 15.44 -27.06
N LYS A 182 -24.67 15.42 -26.62
CA LYS A 182 -24.96 14.92 -25.28
C LYS A 182 -24.70 13.42 -25.25
N ALA A 183 -25.06 12.75 -26.35
CA ALA A 183 -24.85 11.31 -26.46
C ALA A 183 -23.36 10.98 -26.45
N ASN A 184 -22.57 11.83 -27.10
CA ASN A 184 -21.12 11.64 -27.14
C ASN A 184 -20.59 11.84 -25.71
N ARG A 185 -21.00 12.91 -25.06
CA ARG A 185 -20.58 13.20 -23.68
C ARG A 185 -20.89 12.00 -22.79
N ASP A 186 -22.07 11.39 -22.96
CA ASP A 186 -22.43 10.25 -22.12
C ASP A 186 -21.57 9.03 -22.43
N LEU A 187 -21.20 8.88 -23.70
CA LEU A 187 -20.38 7.76 -24.13
C LEU A 187 -18.99 7.86 -23.49
N ILE A 188 -18.43 9.06 -23.49
CA ILE A 188 -17.09 9.26 -22.91
C ILE A 188 -17.18 9.08 -21.41
N TYR A 189 -18.24 9.62 -20.81
CA TYR A 189 -18.44 9.48 -19.35
C TYR A 189 -18.50 8.01 -18.98
N LYS A 190 -19.16 7.20 -19.80
CA LYS A 190 -19.26 5.77 -19.55
C LYS A 190 -17.90 5.09 -19.60
N GLN A 191 -17.07 5.47 -20.58
CA GLN A 191 -15.73 4.88 -20.70
C GLN A 191 -14.92 5.19 -19.42
N LEU A 192 -15.09 6.42 -18.92
CA LEU A 192 -14.40 6.86 -17.72
C LEU A 192 -14.87 6.11 -16.47
N GLN A 193 -16.18 5.90 -16.35
CA GLN A 193 -16.71 5.17 -15.18
C GLN A 193 -16.23 3.73 -15.19
N GLN A 194 -16.09 3.14 -16.37
CA GLN A 194 -15.60 1.77 -16.46
C GLN A 194 -14.13 1.73 -16.06
N ALA A 195 -13.41 2.82 -16.28
CA ALA A 195 -12.00 2.86 -15.88
C ALA A 195 -11.98 3.00 -14.35
N VAL A 196 -12.86 3.83 -13.81
CA VAL A 196 -12.91 4.00 -12.36
C VAL A 196 -13.17 2.66 -11.66
N THR A 197 -14.17 1.93 -12.11
CA THR A 197 -14.48 0.65 -11.46
C THR A 197 -13.35 -0.34 -11.70
N GLY A 198 -12.68 -0.22 -12.83
CA GLY A 198 -11.57 -1.10 -13.15
C GLY A 198 -10.45 -0.88 -12.17
N ILE A 199 -10.16 0.39 -11.88
CA ILE A 199 -9.10 0.70 -10.92
C ILE A 199 -9.50 0.21 -9.54
N SER A 200 -10.75 0.45 -9.17
CA SER A 200 -11.26 0.06 -7.86
C SER A 200 -11.16 -1.45 -7.59
N ASN A 201 -11.52 -2.25 -8.57
CA ASN A 201 -11.48 -3.68 -8.41
C ASN A 201 -10.06 -4.26 -8.52
N ALA A 202 -9.25 -3.70 -9.42
CA ALA A 202 -7.87 -4.17 -9.58
C ALA A 202 -7.05 -3.85 -8.34
N ALA A 203 -7.34 -2.69 -7.74
CA ALA A 203 -6.60 -2.25 -6.56
C ALA A 203 -6.76 -3.22 -5.39
N GLN A 204 -7.92 -3.87 -5.33
CA GLN A 204 -8.23 -4.79 -4.25
C GLN A 204 -8.04 -6.26 -4.64
N ALA A 205 -7.24 -6.52 -5.66
CA ALA A 205 -7.00 -7.88 -6.11
C ALA A 205 -5.52 -8.26 -6.05
N HIS B 1 7.32 9.35 -2.95
CA HIS B 1 6.54 8.98 -1.73
C HIS B 1 6.22 7.50 -1.70
N PRO B 2 7.15 6.68 -1.16
CA PRO B 2 6.95 5.24 -1.10
C PRO B 2 5.71 4.83 -0.30
N THR B 3 5.09 3.74 -0.72
CA THR B 3 3.89 3.22 -0.06
C THR B 3 4.33 2.60 1.27
N ASN B 4 3.38 2.28 2.15
CA ASN B 4 3.74 1.66 3.42
C ASN B 4 4.42 0.32 3.15
N VAL B 5 3.91 -0.42 2.16
CA VAL B 5 4.49 -1.70 1.79
C VAL B 5 5.98 -1.55 1.44
N GLN B 6 6.31 -0.57 0.61
CA GLN B 6 7.71 -0.36 0.23
C GLN B 6 8.58 0.04 1.41
N ARG B 7 8.04 0.87 2.31
CA ARG B 7 8.79 1.31 3.48
C ARG B 7 9.10 0.15 4.45
N LEU B 8 8.25 -0.87 4.46
CA LEU B 8 8.44 -2.00 5.36
C LEU B 8 9.03 -3.24 4.70
N ALA B 9 9.07 -3.25 3.37
CA ALA B 9 9.57 -4.40 2.61
C ALA B 9 10.96 -4.90 2.97
N GLU B 10 12.00 -4.10 2.71
CA GLU B 10 13.36 -4.54 3.02
C GLU B 10 13.58 -4.76 4.52
N PRO B 11 13.04 -3.87 5.37
CA PRO B 11 13.24 -4.07 6.81
C PRO B 11 12.66 -5.42 7.26
N SER B 12 11.47 -5.74 6.79
CA SER B 12 10.84 -7.01 7.14
C SER B 12 11.72 -8.15 6.64
N GLN B 13 12.25 -8.02 5.43
CA GLN B 13 13.12 -9.06 4.88
C GLN B 13 14.39 -9.26 5.72
N LEU B 15 14.77 -8.69 8.86
CA LEU B 15 14.38 -9.33 10.12
C LEU B 15 14.15 -10.83 9.91
N LYS B 16 13.46 -11.17 8.83
CA LYS B 16 13.19 -12.58 8.55
C LYS B 16 14.49 -13.35 8.33
N HIS B 17 15.43 -12.77 7.59
CA HIS B 17 16.72 -13.43 7.37
C HIS B 17 17.50 -13.61 8.67
N ALA B 18 17.51 -12.58 9.51
CA ALA B 18 18.25 -12.66 10.77
C ALA B 18 17.68 -13.73 11.69
N VAL B 19 16.36 -13.86 11.69
CA VAL B 19 15.70 -14.88 12.51
C VAL B 19 16.08 -16.25 11.98
N VAL B 20 16.02 -16.43 10.65
CA VAL B 20 16.43 -17.71 10.06
C VAL B 20 17.88 -18.06 10.41
N ASN B 21 18.78 -17.08 10.32
CA ASN B 21 20.17 -17.35 10.63
C ASN B 21 20.37 -17.78 12.07
N LEU B 22 19.64 -17.17 13.01
CA LEU B 22 19.79 -17.56 14.41
C LEU B 22 19.30 -19.00 14.60
N ILE B 23 18.19 -19.33 13.95
CA ILE B 23 17.65 -20.69 14.05
C ILE B 23 18.63 -21.71 13.40
N ASN B 24 19.31 -21.30 12.33
CA ASN B 24 20.28 -22.16 11.62
C ASN B 24 21.53 -22.43 12.48
N TYR B 25 21.75 -21.60 13.49
CA TYR B 25 22.92 -21.76 14.34
C TYR B 25 23.08 -23.08 15.08
N GLN B 26 24.18 -23.75 14.79
CA GLN B 26 24.56 -25.02 15.40
C GLN B 26 26.08 -25.02 15.43
N ASP B 27 26.66 -25.40 16.57
CA ASP B 27 28.11 -25.46 16.68
C ASP B 27 28.41 -26.52 17.73
N ASP B 28 28.80 -27.70 17.28
CA ASP B 28 29.06 -28.80 18.19
C ASP B 28 30.28 -28.59 19.10
N ALA B 29 31.03 -27.53 18.85
CA ALA B 29 32.18 -27.22 19.67
C ALA B 29 31.65 -26.61 20.98
N GLU B 30 30.44 -26.06 20.89
CA GLU B 30 29.79 -25.45 22.05
C GLU B 30 29.52 -26.48 23.14
N LEU B 31 29.25 -27.72 22.73
CA LEU B 31 28.96 -28.81 23.65
C LEU B 31 29.99 -28.89 24.78
N ALA B 32 31.26 -28.86 24.41
CA ALA B 32 32.34 -28.93 25.38
C ALA B 32 32.38 -27.65 26.23
#